data_6L7W
#
_entry.id   6L7W
#
_cell.length_a   52.445
_cell.length_b   73.208
_cell.length_c   63.747
_cell.angle_alpha   90.000
_cell.angle_beta   114.063
_cell.angle_gamma   90.000
#
_symmetry.space_group_name_H-M   'P 1 21 1'
#
loop_
_entity.id
_entity.type
_entity.pdbx_description
1 polymer 'mRNA_triPase domain-containing protein'
2 non-polymer 'MANGANESE (II) ION'
3 water water
#
_entity_poly.entity_id   1
_entity_poly.type   'polypeptide(L)'
_entity_poly.pdbx_seq_one_letter_code
;GPGSDAEQRAVAKALFDAVNKHLSNPFIEVEMRLGQFKVEEDANFTACVSTEDYERIKTYLMTEMENSSMTRSVTHDVSL
RGWRHTYATDENGNPTRCVSIVRKKRLFVKNIVVPLGAYNLRFAVSTETPGDLRFSGAGPRAGHTRLKDRLSITDGMFRY
DMTQVTEKGVLMHEVEIEGVFSSHEKQLTESWLEELLRRAMRLATLRTN
;
_entity_poly.pdbx_strand_id   A,B
#
# COMPACT_ATOMS: atom_id res chain seq x y z
N ASP A 5 8.19 11.02 2.91
CA ASP A 5 8.72 11.50 1.65
C ASP A 5 8.23 12.93 1.35
N ALA A 6 7.51 13.49 2.33
CA ALA A 6 7.00 14.87 2.33
C ALA A 6 5.75 15.04 1.49
N GLU A 7 5.48 14.12 0.57
CA GLU A 7 4.20 14.11 -0.13
C GLU A 7 3.34 12.93 0.30
N GLN A 8 3.71 12.28 1.40
CA GLN A 8 2.86 11.30 2.07
C GLN A 8 1.51 11.87 2.50
N ARG A 9 1.30 13.18 2.35
CA ARG A 9 -0.04 13.74 2.48
C ARG A 9 -0.95 13.22 1.38
N ALA A 10 -0.39 12.91 0.22
CA ALA A 10 -1.19 12.38 -0.88
C ALA A 10 -1.72 10.99 -0.56
N VAL A 11 -0.84 10.12 -0.04
CA VAL A 11 -1.20 8.73 0.23
C VAL A 11 -2.13 8.63 1.44
N ALA A 12 -2.12 9.65 2.31
CA ALA A 12 -3.00 9.66 3.47
C ALA A 12 -4.44 9.95 3.08
N LYS A 13 -4.66 10.68 1.98
CA LYS A 13 -6.02 10.90 1.49
C LYS A 13 -6.62 9.61 0.94
N ALA A 14 -5.80 8.78 0.30
CA ALA A 14 -6.27 7.48 -0.18
C ALA A 14 -6.57 6.55 0.99
N LEU A 15 -5.79 6.64 2.07
CA LEU A 15 -6.06 5.80 3.23
C LEU A 15 -7.37 6.20 3.90
N PHE A 16 -7.59 7.51 4.07
CA PHE A 16 -8.81 7.98 4.72
C PHE A 16 -10.05 7.54 3.94
N ASP A 17 -9.99 7.61 2.61
CA ASP A 17 -11.15 7.22 1.80
C ASP A 17 -11.47 5.74 1.96
N ALA A 18 -10.44 4.91 2.16
CA ALA A 18 -10.64 3.46 2.21
C ALA A 18 -11.16 2.97 3.55
N VAL A 19 -11.05 3.77 4.61
CA VAL A 19 -11.41 3.29 5.94
C VAL A 19 -12.37 4.27 6.62
N ASN A 20 -12.89 5.22 5.84
CA ASN A 20 -13.83 6.20 6.39
C ASN A 20 -15.09 5.52 6.93
N LYS A 21 -15.62 4.54 6.21
CA LYS A 21 -16.87 3.89 6.58
C LYS A 21 -16.74 3.01 7.82
N HIS A 22 -15.53 2.70 8.25
CA HIS A 22 -15.34 1.82 9.39
C HIS A 22 -15.23 2.55 10.71
N LEU A 23 -15.13 3.89 10.70
CA LEU A 23 -14.86 4.63 11.93
C LEU A 23 -15.95 4.45 12.98
N SER A 24 -17.18 4.14 12.56
CA SER A 24 -18.29 4.04 13.51
C SER A 24 -18.22 2.77 14.35
N ASN A 25 -17.42 1.80 13.96
CA ASN A 25 -17.26 0.59 14.78
C ASN A 25 -16.53 0.95 16.06
N PRO A 26 -17.10 0.69 17.24
CA PRO A 26 -16.46 1.13 18.48
C PRO A 26 -15.18 0.38 18.82
N PHE A 27 -14.87 -0.71 18.13
CA PHE A 27 -13.69 -1.52 18.43
C PHE A 27 -12.68 -1.48 17.29
N ILE A 28 -12.51 -0.31 16.70
CA ILE A 28 -11.60 -0.14 15.56
C ILE A 28 -10.18 -0.02 16.08
N GLU A 29 -9.26 -0.79 15.49
CA GLU A 29 -7.83 -0.68 15.73
C GLU A 29 -7.17 -0.22 14.45
N VAL A 30 -6.41 0.86 14.51
CA VAL A 30 -5.70 1.41 13.37
C VAL A 30 -4.22 1.40 13.71
N GLU A 31 -3.43 0.67 12.91
CA GLU A 31 -2.05 0.37 13.22
C GLU A 31 -1.18 0.52 11.98
N MET A 32 0.06 0.93 12.21
CA MET A 32 1.10 0.92 11.19
C MET A 32 2.24 0.08 11.72
N ARG A 33 2.54 -1.02 11.03
CA ARG A 33 3.54 -1.97 11.50
C ARG A 33 4.84 -1.82 10.73
N LEU A 34 5.96 -2.04 11.42
CA LEU A 34 7.28 -2.05 10.80
C LEU A 34 7.69 -3.49 10.49
N GLY A 35 8.29 -3.69 9.33
CA GLY A 35 8.66 -5.03 8.95
C GLY A 35 9.54 -5.06 7.72
N GLN A 36 9.59 -6.23 7.09
CA GLN A 36 10.47 -6.47 5.96
C GLN A 36 9.91 -7.62 5.13
N PHE A 37 9.94 -7.46 3.82
CA PHE A 37 9.46 -8.54 2.94
C PHE A 37 10.62 -9.36 2.38
N PHE A 45 5.71 -10.50 4.17
CA PHE A 45 5.89 -9.48 5.20
C PHE A 45 5.92 -10.08 6.59
N THR A 46 7.04 -9.90 7.30
CA THR A 46 7.17 -10.30 8.70
C THR A 46 7.34 -9.02 9.51
N ALA A 47 6.34 -8.71 10.34
CA ALA A 47 6.35 -7.51 11.17
C ALA A 47 7.37 -7.69 12.29
N CYS A 48 8.64 -7.49 11.95
CA CYS A 48 9.69 -7.58 12.96
C CYS A 48 10.90 -6.81 12.48
N VAL A 49 11.66 -6.28 13.43
CA VAL A 49 12.88 -5.53 13.17
C VAL A 49 14.03 -6.25 13.87
N SER A 50 15.25 -5.85 13.51
CA SER A 50 16.42 -6.42 14.17
C SER A 50 16.50 -5.92 15.61
N THR A 51 17.15 -6.72 16.46
CA THR A 51 17.32 -6.30 17.85
C THR A 51 18.12 -5.02 17.94
N GLU A 52 19.09 -4.82 17.04
CA GLU A 52 19.84 -3.57 17.00
C GLU A 52 18.90 -2.39 16.78
N ASP A 53 18.17 -2.41 15.66
CA ASP A 53 17.27 -1.30 15.33
C ASP A 53 16.16 -1.17 16.37
N TYR A 54 15.77 -2.27 17.02
CA TYR A 54 14.79 -2.20 18.09
C TYR A 54 15.30 -1.34 19.23
N GLU A 55 16.56 -1.49 19.60
CA GLU A 55 17.12 -0.66 20.66
C GLU A 55 17.32 0.78 20.18
N ARG A 56 17.59 0.99 18.89
CA ARG A 56 17.71 2.35 18.39
C ARG A 56 16.37 3.08 18.43
N ILE A 57 15.30 2.39 18.02
CA ILE A 57 13.97 3.00 18.07
C ILE A 57 13.57 3.30 19.51
N LYS A 58 13.88 2.39 20.44
CA LYS A 58 13.54 2.63 21.83
C LYS A 58 14.27 3.85 22.39
N THR A 59 15.56 3.97 22.09
CA THR A 59 16.32 5.12 22.57
C THR A 59 15.77 6.43 22.02
N TYR A 60 15.41 6.44 20.73
CA TYR A 60 14.88 7.66 20.13
C TYR A 60 13.58 8.09 20.79
N LEU A 61 12.69 7.14 21.11
CA LEU A 61 11.40 7.51 21.69
C LEU A 61 11.49 7.82 23.18
N MET A 62 12.42 7.19 23.89
CA MET A 62 12.59 7.51 25.30
C MET A 62 13.19 8.90 25.49
N THR A 63 13.88 9.41 24.49
CA THR A 63 14.61 10.67 24.62
C THR A 63 13.81 11.86 24.11
N GLU A 64 13.04 11.67 23.05
CA GLU A 64 12.57 12.81 22.26
C GLU A 64 11.17 13.31 22.65
N MET A 65 10.28 12.43 23.15
CA MET A 65 8.93 12.88 23.49
C MET A 65 8.83 13.13 24.99
N GLU A 66 8.91 14.42 25.37
CA GLU A 66 8.85 14.78 26.77
C GLU A 66 7.43 14.73 27.33
N ASN A 67 6.42 14.98 26.48
CA ASN A 67 5.04 15.05 26.93
C ASN A 67 4.28 13.75 26.68
N SER A 68 4.99 12.66 26.48
CA SER A 68 4.40 11.35 26.28
C SER A 68 4.37 10.57 27.59
N SER A 69 3.58 9.51 27.60
CA SER A 69 3.51 8.60 28.73
C SER A 69 4.01 7.23 28.33
N MET A 70 4.39 6.42 29.32
CA MET A 70 4.92 5.10 29.03
C MET A 70 4.49 4.10 30.08
N THR A 71 4.39 2.84 29.65
CA THR A 71 4.06 1.71 30.52
C THR A 71 4.66 0.45 29.90
N ARG A 72 4.72 -0.61 30.71
CA ARG A 72 5.21 -1.90 30.26
C ARG A 72 4.29 -2.99 30.79
N SER A 73 4.03 -4.00 29.96
CA SER A 73 3.16 -5.11 30.32
C SER A 73 3.71 -6.39 29.70
N VAL A 74 3.69 -7.48 30.47
CA VAL A 74 4.13 -8.79 30.00
C VAL A 74 2.89 -9.67 29.88
N THR A 75 2.66 -10.19 28.69
CA THR A 75 1.40 -10.79 28.27
C THR A 75 1.59 -12.26 27.91
N HIS A 76 0.47 -12.96 27.77
CA HIS A 76 0.47 -14.37 27.36
C HIS A 76 -0.76 -14.57 26.47
N ASP A 77 -0.54 -14.64 25.16
CA ASP A 77 -1.61 -14.74 24.17
C ASP A 77 -1.75 -16.17 23.67
N VAL A 78 -2.98 -16.60 23.47
CA VAL A 78 -3.29 -17.93 22.95
C VAL A 78 -4.41 -17.79 21.93
N SER A 79 -4.16 -18.27 20.71
CA SER A 79 -5.17 -18.26 19.65
C SER A 79 -5.92 -19.59 19.67
N LEU A 80 -7.19 -19.55 20.04
CA LEU A 80 -8.00 -20.76 20.17
C LEU A 80 -9.39 -20.49 19.59
N ARG A 81 -9.75 -21.25 18.54
CA ARG A 81 -11.05 -21.15 17.91
C ARG A 81 -11.33 -19.74 17.38
N GLY A 82 -10.28 -19.09 16.88
CA GLY A 82 -10.43 -17.75 16.35
C GLY A 82 -10.58 -16.65 17.38
N TRP A 83 -10.38 -16.95 18.66
CA TRP A 83 -10.48 -15.98 19.73
C TRP A 83 -9.13 -15.87 20.43
N ARG A 84 -8.63 -14.64 20.59
CA ARG A 84 -7.34 -14.39 21.23
C ARG A 84 -7.54 -14.26 22.73
N HIS A 85 -7.02 -15.23 23.48
CA HIS A 85 -7.11 -15.23 24.94
C HIS A 85 -5.86 -14.58 25.51
N THR A 86 -6.04 -13.46 26.21
CA THR A 86 -4.95 -12.70 26.80
C THR A 86 -4.85 -13.05 28.28
N TYR A 87 -3.64 -13.40 28.73
CA TYR A 87 -3.38 -13.81 30.10
C TYR A 87 -2.41 -12.85 30.77
N ALA A 88 -2.65 -12.57 32.04
CA ALA A 88 -1.70 -11.82 32.83
C ALA A 88 -0.53 -12.71 33.24
N THR A 89 0.47 -12.12 33.89
CA THR A 89 1.70 -12.81 34.19
C THR A 89 2.21 -12.41 35.57
N ASP A 90 2.97 -13.30 36.20
CA ASP A 90 3.55 -13.04 37.50
C ASP A 90 4.98 -12.55 37.33
N GLU A 91 5.74 -12.52 38.43
CA GLU A 91 7.14 -12.10 38.36
C GLU A 91 7.97 -13.09 37.55
N ASN A 92 7.65 -14.39 37.65
CA ASN A 92 8.40 -15.39 36.90
C ASN A 92 8.04 -15.41 35.43
N GLY A 93 6.87 -14.90 35.06
CA GLY A 93 6.44 -14.86 33.68
C GLY A 93 5.44 -15.92 33.28
N ASN A 94 4.86 -16.62 34.23
CA ASN A 94 3.87 -17.64 33.88
C ASN A 94 2.46 -17.06 33.94
N PRO A 95 1.55 -17.60 33.13
CA PRO A 95 0.20 -17.05 33.06
C PRO A 95 -0.54 -17.14 34.38
N THR A 96 -1.16 -16.03 34.79
CA THR A 96 -1.93 -15.92 36.02
C THR A 96 -3.26 -15.24 35.67
N ARG A 97 -4.27 -16.06 35.31
CA ARG A 97 -5.63 -15.62 35.04
C ARG A 97 -5.75 -14.91 33.69
N CYS A 98 -6.86 -15.14 33.00
CA CYS A 98 -7.12 -14.52 31.69
C CYS A 98 -7.83 -13.18 31.87
N VAL A 99 -7.37 -12.18 31.13
CA VAL A 99 -7.83 -10.80 31.31
C VAL A 99 -8.58 -10.25 30.10
N SER A 100 -8.56 -10.94 28.97
CA SER A 100 -9.26 -10.44 27.79
C SER A 100 -9.51 -11.56 26.81
N ILE A 101 -10.74 -11.62 26.30
CA ILE A 101 -11.16 -12.54 25.25
C ILE A 101 -11.58 -11.67 24.07
N VAL A 102 -10.79 -11.70 23.01
CA VAL A 102 -11.00 -10.82 21.86
C VAL A 102 -10.86 -11.60 20.57
N ARG A 103 -11.64 -11.21 19.57
CA ARG A 103 -11.54 -11.76 18.22
C ARG A 103 -11.20 -10.61 17.29
N LYS A 104 -10.10 -10.75 16.56
CA LYS A 104 -9.62 -9.69 15.68
C LYS A 104 -10.05 -9.98 14.24
N LYS A 105 -10.84 -9.09 13.67
CA LYS A 105 -11.23 -9.16 12.27
C LYS A 105 -10.53 -8.03 11.52
N ARG A 106 -9.90 -8.37 10.41
CA ARG A 106 -9.17 -7.42 9.58
C ARG A 106 -10.10 -6.85 8.52
N LEU A 107 -10.19 -5.53 8.46
CA LEU A 107 -11.06 -4.83 7.52
C LEU A 107 -10.33 -4.30 6.30
N PHE A 108 -9.15 -3.71 6.48
CA PHE A 108 -8.39 -3.15 5.39
C PHE A 108 -6.91 -3.26 5.73
N VAL A 109 -6.10 -3.58 4.71
CA VAL A 109 -4.66 -3.65 4.90
C VAL A 109 -3.98 -3.36 3.57
N LYS A 110 -2.94 -2.52 3.64
CA LYS A 110 -2.09 -2.22 2.50
C LYS A 110 -0.72 -1.83 3.02
N ASN A 111 0.32 -2.34 2.36
CA ASN A 111 1.67 -1.93 2.69
C ASN A 111 1.96 -0.56 2.11
N ILE A 112 2.86 0.16 2.78
CA ILE A 112 3.20 1.53 2.42
C ILE A 112 4.57 1.53 1.75
N VAL A 113 4.70 2.33 0.69
CA VAL A 113 5.97 2.41 0.00
C VAL A 113 6.95 3.21 0.84
N VAL A 114 8.14 2.65 1.06
CA VAL A 114 9.15 3.26 1.89
C VAL A 114 10.39 3.48 1.05
N PRO A 115 11.29 4.38 1.49
CA PRO A 115 12.56 4.55 0.77
C PRO A 115 13.41 3.28 0.83
N LEU A 116 14.33 3.18 -0.12
CA LEU A 116 15.23 2.02 -0.17
C LEU A 116 16.05 1.93 1.12
N GLY A 117 16.24 0.70 1.59
CA GLY A 117 17.01 0.46 2.79
C GLY A 117 16.26 0.70 4.09
N ALA A 118 15.05 1.25 4.03
CA ALA A 118 14.25 1.45 5.23
C ALA A 118 13.40 0.22 5.51
N TYR A 119 12.84 0.18 6.71
CA TYR A 119 11.90 -0.87 7.08
C TYR A 119 10.59 -0.68 6.33
N ASN A 120 9.97 -1.79 5.96
CA ASN A 120 8.68 -1.74 5.29
C ASN A 120 7.57 -1.44 6.29
N LEU A 121 6.53 -0.78 5.80
CA LEU A 121 5.42 -0.35 6.63
C LEU A 121 4.14 -1.04 6.17
N ARG A 122 3.38 -1.57 7.13
CA ARG A 122 2.13 -2.26 6.86
C ARG A 122 1.00 -1.51 7.57
N PHE A 123 0.12 -0.88 6.80
CA PHE A 123 -1.03 -0.20 7.37
C PHE A 123 -2.21 -1.16 7.43
N ALA A 124 -2.80 -1.30 8.62
CA ALA A 124 -3.86 -2.27 8.83
C ALA A 124 -4.94 -1.71 9.72
N VAL A 125 -6.18 -1.76 9.22
CA VAL A 125 -7.36 -1.41 9.99
C VAL A 125 -8.05 -2.68 10.42
N SER A 126 -8.27 -2.84 11.73
CA SER A 126 -8.82 -4.07 12.27
C SER A 126 -9.96 -3.75 13.22
N THR A 127 -10.64 -4.82 13.64
CA THR A 127 -11.64 -4.75 14.67
C THR A 127 -11.31 -5.82 15.69
N GLU A 128 -11.35 -5.45 16.98
CA GLU A 128 -11.07 -6.38 18.07
C GLU A 128 -12.28 -6.41 18.99
N THR A 129 -13.17 -7.36 18.75
CA THR A 129 -14.43 -7.43 19.46
C THR A 129 -14.29 -8.27 20.73
N PRO A 130 -14.73 -7.78 21.87
CA PRO A 130 -14.64 -8.58 23.11
C PRO A 130 -15.67 -9.69 23.12
N GLY A 131 -15.37 -10.72 23.91
CA GLY A 131 -16.26 -11.86 24.03
C GLY A 131 -16.49 -12.25 25.47
N HIS A 144 -1.68 -21.95 19.97
CA HIS A 144 -0.36 -21.33 19.97
C HIS A 144 -0.16 -20.47 21.22
N THR A 145 1.08 -20.07 21.48
CA THR A 145 1.42 -19.30 22.68
C THR A 145 2.35 -18.16 22.31
N ARG A 146 1.96 -16.94 22.68
CA ARG A 146 2.78 -15.75 22.47
C ARG A 146 3.02 -15.07 23.81
N LEU A 147 4.27 -15.00 24.24
CA LEU A 147 4.65 -14.19 25.38
C LEU A 147 5.09 -12.83 24.89
N LYS A 148 4.34 -11.78 25.26
CA LYS A 148 4.55 -10.44 24.75
C LYS A 148 5.09 -9.56 25.86
N ASP A 149 6.34 -9.12 25.72
CA ASP A 149 6.95 -8.12 26.58
C ASP A 149 6.81 -6.79 25.85
N ARG A 150 5.72 -6.07 26.14
CA ARG A 150 5.35 -4.89 25.38
C ARG A 150 5.70 -3.63 26.17
N LEU A 151 6.33 -2.67 25.48
CA LEU A 151 6.63 -1.36 26.02
C LEU A 151 5.86 -0.32 25.21
N SER A 152 4.92 0.37 25.86
CA SER A 152 4.10 1.37 25.21
C SER A 152 4.60 2.76 25.56
N ILE A 153 4.78 3.61 24.55
CA ILE A 153 5.07 5.03 24.75
C ILE A 153 4.00 5.80 24.00
N THR A 154 3.19 6.56 24.74
CA THR A 154 1.98 7.20 24.22
C THR A 154 2.22 8.70 24.07
N ASP A 155 2.41 9.16 22.84
CA ASP A 155 2.58 10.58 22.54
C ASP A 155 1.31 11.08 21.85
N GLY A 156 0.50 11.82 22.60
CA GLY A 156 -0.76 12.32 22.06
C GLY A 156 -1.69 11.21 21.61
N MET A 157 -2.08 11.25 20.33
CA MET A 157 -2.97 10.26 19.76
C MET A 157 -2.22 9.08 19.14
N PHE A 158 -0.95 8.90 19.49
CA PHE A 158 -0.13 7.85 18.90
C PHE A 158 0.48 7.01 20.01
N ARG A 159 0.36 5.70 19.91
CA ARG A 159 0.95 4.77 20.87
C ARG A 159 2.02 3.94 20.18
N TYR A 160 3.28 4.13 20.59
CA TYR A 160 4.37 3.32 20.06
C TYR A 160 4.47 2.04 20.88
N ASP A 161 4.24 0.91 20.24
CA ASP A 161 4.26 -0.41 20.89
C ASP A 161 5.52 -1.14 20.44
N MET A 162 6.48 -1.28 21.35
CA MET A 162 7.67 -2.09 21.13
C MET A 162 7.51 -3.37 21.93
N THR A 163 7.32 -4.48 21.23
CA THR A 163 7.06 -5.76 21.87
C THR A 163 8.20 -6.73 21.59
N GLN A 164 8.53 -7.54 22.59
CA GLN A 164 9.46 -8.65 22.44
C GLN A 164 8.60 -9.91 22.53
N VAL A 165 8.34 -10.52 21.38
CA VAL A 165 7.43 -11.66 21.28
C VAL A 165 8.25 -12.93 21.12
N THR A 166 7.94 -13.93 21.94
CA THR A 166 8.51 -15.27 21.81
C THR A 166 7.36 -16.19 21.43
N GLU A 167 7.36 -16.65 20.18
CA GLU A 167 6.41 -17.65 19.70
C GLU A 167 7.18 -18.76 19.02
N LYS A 168 6.87 -20.02 19.40
CA LYS A 168 7.56 -21.19 18.87
C LYS A 168 9.06 -21.11 19.15
N GLY A 169 9.42 -20.66 20.35
CA GLY A 169 10.81 -20.61 20.76
C GLY A 169 11.67 -19.61 20.02
N VAL A 170 11.06 -18.63 19.35
CA VAL A 170 11.79 -17.63 18.58
C VAL A 170 11.41 -16.25 19.11
N LEU A 171 12.42 -15.47 19.47
CA LEU A 171 12.23 -14.11 19.97
C LEU A 171 12.29 -13.13 18.80
N MET A 172 11.25 -12.35 18.63
CA MET A 172 11.19 -11.33 17.59
C MET A 172 10.90 -9.96 18.21
N HIS A 173 11.29 -8.92 17.50
CA HIS A 173 11.13 -7.55 17.96
C HIS A 173 10.14 -6.85 17.04
N GLU A 174 9.00 -6.46 17.59
CA GLU A 174 7.91 -5.85 16.84
C GLU A 174 7.75 -4.39 17.24
N VAL A 175 7.60 -3.52 16.25
CA VAL A 175 7.36 -2.11 16.49
C VAL A 175 6.15 -1.69 15.67
N GLU A 176 5.17 -1.07 16.32
CA GLU A 176 4.01 -0.57 15.63
C GLU A 176 3.51 0.69 16.32
N ILE A 177 2.78 1.50 15.56
CA ILE A 177 2.15 2.73 16.07
C ILE A 177 0.65 2.56 15.99
N GLU A 178 -0.02 2.63 17.13
CA GLU A 178 -1.47 2.52 17.23
C GLU A 178 -2.10 3.89 17.37
N GLY A 179 -3.38 3.96 17.00
CA GLY A 179 -4.15 5.18 17.16
C GLY A 179 -4.82 5.20 18.52
N VAL A 180 -4.68 6.33 19.21
CA VAL A 180 -5.34 6.56 20.50
C VAL A 180 -6.38 7.64 20.29
N PHE A 181 -7.64 7.31 20.54
CA PHE A 181 -8.73 8.24 20.27
C PHE A 181 -9.74 8.21 21.40
N SER A 182 -10.40 9.35 21.60
CA SER A 182 -11.65 9.39 22.34
C SER A 182 -12.82 9.13 21.40
N SER A 183 -12.79 9.72 20.21
CA SER A 183 -13.81 9.52 19.19
C SER A 183 -13.11 9.17 17.89
N HIS A 184 -13.28 7.92 17.43
CA HIS A 184 -12.70 7.54 16.15
C HIS A 184 -13.27 8.37 15.01
N GLU A 185 -14.59 8.60 15.03
CA GLU A 185 -15.21 9.40 13.99
C GLU A 185 -14.68 10.83 13.99
N LYS A 186 -14.59 11.44 15.17
CA LYS A 186 -14.23 12.85 15.23
C LYS A 186 -12.73 13.08 15.11
N GLN A 187 -11.91 12.09 15.46
CA GLN A 187 -10.48 12.34 15.63
C GLN A 187 -9.59 11.65 14.60
N LEU A 188 -9.97 10.48 14.11
CA LEU A 188 -9.22 9.90 12.99
C LEU A 188 -9.60 10.68 11.75
N THR A 189 -8.73 11.63 11.36
CA THR A 189 -8.92 12.42 10.17
C THR A 189 -7.76 12.17 9.21
N GLU A 190 -7.90 12.70 8.00
CA GLU A 190 -6.81 12.61 7.04
C GLU A 190 -5.55 13.26 7.58
N SER A 191 -5.69 14.38 8.29
CA SER A 191 -4.54 15.01 8.94
C SER A 191 -3.85 14.06 9.90
N TRP A 192 -4.63 13.32 10.70
CA TRP A 192 -4.03 12.36 11.62
C TRP A 192 -3.30 11.25 10.88
N LEU A 193 -3.81 10.86 9.70
CA LEU A 193 -3.15 9.81 8.95
C LEU A 193 -1.83 10.29 8.34
N GLU A 194 -1.75 11.56 7.97
CA GLU A 194 -0.48 12.12 7.52
C GLU A 194 0.57 12.02 8.60
N GLU A 195 0.21 12.39 9.84
CA GLU A 195 1.18 12.36 10.93
C GLU A 195 1.58 10.94 11.29
N LEU A 196 0.66 9.99 11.16
CA LEU A 196 0.99 8.59 11.39
C LEU A 196 2.01 8.09 10.38
N LEU A 197 1.86 8.50 9.10
CA LEU A 197 2.85 8.15 8.10
C LEU A 197 4.21 8.78 8.41
N ARG A 198 4.20 10.08 8.74
CA ARG A 198 5.45 10.76 9.03
C ARG A 198 6.14 10.18 10.25
N ARG A 199 5.37 9.73 11.24
CA ARG A 199 5.96 9.15 12.44
C ARG A 199 6.51 7.75 12.18
N ALA A 200 5.75 6.93 11.45
CA ALA A 200 6.24 5.59 11.11
C ALA A 200 7.44 5.66 10.18
N MET A 201 7.47 6.63 9.27
CA MET A 201 8.59 6.76 8.33
C MET A 201 9.87 7.17 9.05
N ARG A 202 9.75 8.00 10.09
CA ARG A 202 10.92 8.36 10.88
C ARG A 202 11.55 7.13 11.51
N LEU A 203 10.71 6.20 11.99
CA LEU A 203 11.21 4.94 12.53
C LEU A 203 11.62 3.96 11.42
N ALA A 204 10.93 4.00 10.27
CA ALA A 204 11.26 3.09 9.18
C ALA A 204 12.66 3.33 8.65
N THR A 205 13.06 4.59 8.56
CA THR A 205 14.38 4.94 8.05
C THR A 205 15.50 4.70 9.06
N LEU A 206 15.20 4.08 10.20
CA LEU A 206 16.21 3.72 11.19
C LEU A 206 16.76 2.31 10.94
N ARG A 207 16.51 1.73 9.78
CA ARG A 207 16.96 0.37 9.50
C ARG A 207 18.46 0.33 9.29
N THR A 208 19.09 -0.72 9.83
CA THR A 208 20.53 -0.92 9.65
C THR A 208 20.82 -2.34 9.22
N GLU B 7 -7.59 -20.15 -23.19
CA GLU B 7 -8.07 -18.80 -22.92
C GLU B 7 -7.02 -17.73 -23.28
N GLN B 8 -6.19 -17.41 -22.29
CA GLN B 8 -5.22 -16.35 -22.46
C GLN B 8 -3.81 -16.87 -22.75
N ARG B 9 -3.56 -18.16 -22.52
CA ARG B 9 -2.27 -18.73 -22.89
C ARG B 9 -2.01 -18.58 -24.38
N ALA B 10 -3.08 -18.55 -25.19
CA ALA B 10 -2.92 -18.43 -26.64
C ALA B 10 -2.40 -17.05 -27.02
N VAL B 11 -3.09 -15.98 -26.59
CA VAL B 11 -2.65 -14.63 -26.93
C VAL B 11 -1.33 -14.29 -26.27
N ALA B 12 -1.06 -14.87 -25.09
CA ALA B 12 0.18 -14.55 -24.39
C ALA B 12 1.41 -15.07 -25.13
N LYS B 13 1.27 -16.19 -25.86
CA LYS B 13 2.39 -16.70 -26.64
C LYS B 13 2.70 -15.79 -27.82
N ALA B 14 1.66 -15.24 -28.48
CA ALA B 14 1.89 -14.32 -29.58
C ALA B 14 2.44 -12.99 -29.08
N LEU B 15 2.04 -12.56 -27.88
CA LEU B 15 2.57 -11.32 -27.33
C LEU B 15 4.04 -11.47 -26.97
N PHE B 16 4.43 -12.63 -26.43
CA PHE B 16 5.83 -12.86 -26.07
C PHE B 16 6.71 -12.93 -27.31
N ASP B 17 6.20 -13.55 -28.37
CA ASP B 17 6.97 -13.65 -29.62
C ASP B 17 7.26 -12.28 -30.22
N ALA B 18 6.39 -11.31 -29.98
CA ALA B 18 6.52 -9.99 -30.58
C ALA B 18 7.23 -8.99 -29.68
N VAL B 19 7.62 -9.37 -28.47
CA VAL B 19 8.31 -8.43 -27.59
C VAL B 19 9.62 -8.95 -27.03
N ASN B 20 9.93 -10.25 -27.08
CA ASN B 20 11.10 -10.75 -26.37
C ASN B 20 12.42 -10.23 -26.95
N LYS B 21 12.40 -9.60 -28.13
CA LYS B 21 13.60 -9.00 -28.67
C LYS B 21 13.85 -7.60 -28.13
N HIS B 22 12.91 -7.04 -27.36
CA HIS B 22 13.04 -5.72 -26.77
C HIS B 22 13.44 -5.75 -25.30
N LEU B 23 13.30 -6.89 -24.62
CA LEU B 23 13.45 -6.91 -23.17
C LEU B 23 14.86 -6.57 -22.70
N SER B 24 15.84 -6.53 -23.60
CA SER B 24 17.19 -6.13 -23.22
C SER B 24 17.31 -4.63 -22.97
N ASN B 25 16.29 -3.85 -23.31
CA ASN B 25 16.35 -2.40 -23.14
C ASN B 25 16.16 -2.03 -21.67
N PRO B 26 17.02 -1.18 -21.12
CA PRO B 26 16.90 -0.85 -19.68
C PRO B 26 15.69 0.01 -19.37
N PHE B 27 15.10 0.68 -20.34
CA PHE B 27 13.98 1.58 -20.12
C PHE B 27 12.69 1.04 -20.75
N ILE B 28 12.50 -0.27 -20.67
CA ILE B 28 11.33 -0.91 -21.24
C ILE B 28 10.13 -0.68 -20.33
N GLU B 29 8.97 -0.43 -20.95
CA GLU B 29 7.70 -0.32 -20.25
C GLU B 29 6.70 -1.20 -20.99
N VAL B 30 6.07 -2.11 -20.26
CA VAL B 30 5.06 -3.01 -20.81
C VAL B 30 3.81 -2.86 -19.95
N GLU B 31 2.76 -2.26 -20.52
CA GLU B 31 1.54 -2.03 -19.77
C GLU B 31 0.33 -2.42 -20.59
N MET B 32 -0.79 -2.58 -19.88
CA MET B 32 -2.09 -2.88 -20.47
C MET B 32 -3.05 -1.78 -20.03
N ARG B 33 -3.65 -1.11 -21.01
CA ARG B 33 -4.51 0.03 -20.74
C ARG B 33 -5.98 -0.34 -20.97
N LEU B 34 -6.85 0.20 -20.13
CA LEU B 34 -8.29 0.03 -20.29
C LEU B 34 -8.83 1.21 -21.08
N GLY B 35 -9.78 0.94 -21.96
CA GLY B 35 -10.34 2.03 -22.75
C GLY B 35 -11.65 1.64 -23.39
N GLN B 36 -12.07 2.46 -24.34
CA GLN B 36 -13.30 2.22 -25.08
C GLN B 36 -13.15 2.82 -26.47
N PHE B 37 -14.22 2.73 -27.25
CA PHE B 37 -14.30 3.35 -28.57
C PHE B 37 -15.52 4.25 -28.60
N LYS B 38 -15.31 5.51 -28.99
CA LYS B 38 -16.40 6.48 -29.05
C LYS B 38 -16.07 7.59 -30.04
N PHE B 45 -9.40 4.67 -30.25
CA PHE B 45 -9.28 4.19 -28.89
C PHE B 45 -8.94 5.32 -27.91
N THR B 46 -9.80 5.50 -26.91
CA THR B 46 -9.59 6.48 -25.85
C THR B 46 -9.37 5.72 -24.54
N ALA B 47 -8.15 5.81 -24.00
CA ALA B 47 -7.78 5.05 -22.81
C ALA B 47 -8.38 5.73 -21.58
N CYS B 48 -9.67 5.48 -21.38
CA CYS B 48 -10.35 6.04 -20.21
C CYS B 48 -11.58 5.21 -19.90
N VAL B 49 -11.96 5.20 -18.62
CA VAL B 49 -13.12 4.47 -18.14
C VAL B 49 -14.10 5.47 -17.51
N SER B 50 -15.27 4.96 -17.15
CA SER B 50 -16.28 5.80 -16.52
C SER B 50 -15.90 6.09 -15.07
N THR B 51 -16.39 7.22 -14.56
CA THR B 51 -16.12 7.56 -13.16
C THR B 51 -16.62 6.47 -12.22
N GLU B 52 -17.81 5.94 -12.50
CA GLU B 52 -18.38 4.86 -11.68
C GLU B 52 -17.47 3.64 -11.69
N ASP B 53 -17.16 3.12 -12.87
CA ASP B 53 -16.32 1.92 -12.97
C ASP B 53 -14.92 2.19 -12.44
N TYR B 54 -14.48 3.45 -12.47
CA TYR B 54 -13.21 3.80 -11.84
C TYR B 54 -13.27 3.55 -10.33
N GLU B 55 -14.38 3.93 -9.69
CA GLU B 55 -14.50 3.70 -8.26
C GLU B 55 -14.63 2.21 -7.93
N ARG B 56 -15.28 1.43 -8.79
CA ARG B 56 -15.41 0.01 -8.51
C ARG B 56 -14.07 -0.72 -8.65
N ILE B 57 -13.31 -0.40 -9.70
CA ILE B 57 -11.96 -0.94 -9.82
C ILE B 57 -11.12 -0.53 -8.60
N LYS B 58 -11.24 0.74 -8.18
CA LYS B 58 -10.55 1.20 -6.99
C LYS B 58 -10.94 0.37 -5.77
N THR B 59 -12.24 0.14 -5.58
CA THR B 59 -12.70 -0.61 -4.42
C THR B 59 -12.21 -2.05 -4.46
N TYR B 60 -12.21 -2.66 -5.65
CA TYR B 60 -11.78 -4.05 -5.77
C TYR B 60 -10.33 -4.22 -5.38
N LEU B 61 -9.45 -3.35 -5.90
CA LEU B 61 -8.02 -3.50 -5.63
C LEU B 61 -7.66 -3.13 -4.19
N MET B 62 -8.44 -2.23 -3.57
CA MET B 62 -8.17 -1.89 -2.18
C MET B 62 -8.58 -3.02 -1.25
N THR B 63 -9.64 -3.75 -1.59
CA THR B 63 -10.19 -4.80 -0.74
C THR B 63 -9.48 -6.12 -0.88
N GLU B 64 -9.12 -6.50 -2.11
CA GLU B 64 -8.83 -7.89 -2.42
C GLU B 64 -7.36 -8.27 -2.27
N MET B 65 -6.43 -7.33 -2.34
CA MET B 65 -5.01 -7.66 -2.41
C MET B 65 -4.31 -7.17 -1.16
N GLU B 66 -4.08 -8.08 -0.22
CA GLU B 66 -3.55 -7.74 1.10
C GLU B 66 -2.04 -7.55 1.08
N ASN B 67 -1.32 -8.30 0.25
CA ASN B 67 0.13 -8.27 0.21
C ASN B 67 0.67 -7.25 -0.78
N SER B 68 -0.16 -6.33 -1.25
CA SER B 68 0.27 -5.32 -2.20
C SER B 68 0.62 -4.03 -1.48
N SER B 69 1.47 -3.23 -2.11
CA SER B 69 1.84 -1.91 -1.62
C SER B 69 1.03 -0.83 -2.33
N MET B 70 1.01 0.36 -1.75
CA MET B 70 0.17 1.39 -2.32
C MET B 70 0.78 2.76 -2.08
N THR B 71 0.68 3.63 -3.09
CA THR B 71 1.17 5.00 -3.01
C THR B 71 0.29 5.89 -3.89
N ARG B 72 0.37 7.20 -3.64
CA ARG B 72 -0.34 8.17 -4.47
C ARG B 72 0.55 9.38 -4.69
N SER B 73 0.57 9.88 -5.92
CA SER B 73 1.36 11.04 -6.29
C SER B 73 0.53 11.92 -7.22
N VAL B 74 0.70 13.23 -7.08
CA VAL B 74 0.09 14.21 -7.95
C VAL B 74 1.20 14.94 -8.69
N THR B 75 1.09 15.03 -10.01
CA THR B 75 2.17 15.56 -10.84
C THR B 75 1.59 16.38 -11.98
N HIS B 76 2.50 17.06 -12.69
CA HIS B 76 2.18 17.88 -13.85
C HIS B 76 3.05 17.39 -15.02
N ASP B 77 2.44 17.29 -16.21
CA ASP B 77 3.16 16.91 -17.42
C ASP B 77 3.00 17.99 -18.48
N VAL B 78 4.07 18.25 -19.23
CA VAL B 78 4.05 19.22 -20.31
C VAL B 78 4.62 18.58 -21.58
N SER B 79 4.50 19.30 -22.68
CA SER B 79 4.59 18.69 -24.01
C SER B 79 6.04 18.49 -24.46
N LEU B 80 6.85 19.54 -24.44
CA LEU B 80 8.21 19.44 -24.94
C LEU B 80 9.18 20.29 -24.10
N GLY B 82 9.22 15.16 -28.84
CA GLY B 82 8.24 15.02 -27.79
C GLY B 82 8.85 14.55 -26.48
N TRP B 83 9.34 15.50 -25.68
CA TRP B 83 9.92 15.22 -24.38
C TRP B 83 8.91 15.58 -23.29
N ARG B 84 8.56 14.61 -22.45
CA ARG B 84 7.59 14.82 -21.39
C ARG B 84 8.31 15.24 -20.11
N HIS B 85 8.14 16.49 -19.71
CA HIS B 85 8.64 16.98 -18.44
C HIS B 85 7.59 16.74 -17.36
N THR B 86 7.97 16.06 -16.28
CA THR B 86 7.08 15.80 -15.17
C THR B 86 7.47 16.69 -13.99
N TYR B 87 6.52 17.48 -13.49
CA TYR B 87 6.74 18.42 -12.40
C TYR B 87 6.05 17.93 -11.14
N ALA B 88 6.68 18.19 -9.99
CA ALA B 88 6.07 17.84 -8.72
C ALA B 88 5.00 18.87 -8.35
N THR B 89 4.30 18.62 -7.26
CA THR B 89 3.11 19.41 -6.93
C THR B 89 3.22 19.91 -5.50
N ASP B 90 2.71 21.12 -5.27
CA ASP B 90 2.60 21.62 -3.91
C ASP B 90 1.17 21.41 -3.40
N GLU B 91 0.98 21.67 -2.11
CA GLU B 91 -0.20 21.19 -1.41
C GLU B 91 -1.51 21.76 -1.95
N ASN B 92 -1.45 22.87 -2.70
CA ASN B 92 -2.62 23.40 -3.39
C ASN B 92 -2.67 22.96 -4.85
N GLY B 93 -1.87 21.98 -5.23
CA GLY B 93 -1.86 21.46 -6.58
C GLY B 93 -0.93 22.15 -7.54
N ASN B 94 -0.28 23.24 -7.12
CA ASN B 94 0.56 24.01 -8.02
C ASN B 94 1.86 23.26 -8.33
N PRO B 95 2.42 23.46 -9.53
CA PRO B 95 3.67 22.77 -9.86
C PRO B 95 4.84 23.37 -9.09
N THR B 96 5.77 22.51 -8.71
CA THR B 96 7.01 22.97 -8.09
C THR B 96 8.16 22.81 -9.08
N ARG B 97 9.09 21.92 -8.77
CA ARG B 97 10.23 21.66 -9.64
C ARG B 97 9.89 20.57 -10.65
N CYS B 98 10.82 20.36 -11.59
CA CYS B 98 10.69 19.32 -12.60
C CYS B 98 11.52 18.12 -12.17
N VAL B 99 10.85 17.01 -11.91
CA VAL B 99 11.50 15.83 -11.35
C VAL B 99 11.87 14.79 -12.41
N SER B 100 11.27 14.85 -13.60
CA SER B 100 11.52 13.84 -14.61
C SER B 100 11.52 14.46 -16.01
N ILE B 101 12.46 14.01 -16.83
CA ILE B 101 12.51 14.32 -18.26
C ILE B 101 12.57 13.00 -19.01
N VAL B 102 11.55 12.70 -19.80
CA VAL B 102 11.44 11.39 -20.44
C VAL B 102 10.83 11.57 -21.83
N ARG B 103 11.43 10.90 -22.82
CA ARG B 103 10.86 10.73 -24.14
C ARG B 103 10.41 9.29 -24.30
N LYS B 104 9.17 9.08 -24.74
CA LYS B 104 8.61 7.74 -24.88
C LYS B 104 8.47 7.38 -26.36
N LYS B 105 9.07 6.26 -26.74
CA LYS B 105 8.92 5.70 -28.07
C LYS B 105 8.18 4.37 -27.95
N ARG B 106 7.17 4.17 -28.80
CA ARG B 106 6.38 2.95 -28.79
C ARG B 106 7.01 1.92 -29.72
N LEU B 107 7.23 0.71 -29.20
CA LEU B 107 7.85 -0.38 -29.94
C LEU B 107 6.81 -1.32 -30.56
N PHE B 108 5.83 -1.75 -29.77
CA PHE B 108 4.81 -2.68 -30.23
C PHE B 108 3.51 -2.37 -29.51
N VAL B 109 2.41 -2.35 -30.26
CA VAL B 109 1.10 -2.03 -29.71
C VAL B 109 0.04 -2.86 -30.44
N LYS B 110 -0.93 -3.36 -29.67
CA LYS B 110 -2.04 -4.14 -30.21
C LYS B 110 -3.20 -4.03 -29.23
N ASN B 111 -4.39 -3.80 -29.75
CA ASN B 111 -5.59 -3.95 -28.94
C ASN B 111 -5.84 -5.43 -28.67
N ILE B 112 -6.50 -5.71 -27.55
CA ILE B 112 -6.76 -7.09 -27.12
C ILE B 112 -8.26 -7.32 -27.20
N VAL B 113 -8.65 -8.44 -27.81
CA VAL B 113 -10.06 -8.79 -27.92
C VAL B 113 -10.59 -9.08 -26.52
N VAL B 114 -11.69 -8.44 -26.17
CA VAL B 114 -12.35 -8.64 -24.88
C VAL B 114 -13.75 -9.14 -25.15
N PRO B 115 -14.41 -9.73 -24.14
CA PRO B 115 -15.82 -10.06 -24.30
C PRO B 115 -16.65 -8.82 -24.54
N LEU B 116 -17.79 -8.99 -25.21
CA LEU B 116 -18.68 -7.87 -25.50
C LEU B 116 -19.19 -7.25 -24.20
N GLY B 117 -19.24 -5.92 -24.17
CA GLY B 117 -19.69 -5.20 -23.01
C GLY B 117 -18.61 -4.91 -21.99
N ALA B 118 -17.41 -5.41 -22.18
CA ALA B 118 -16.27 -5.13 -21.32
C ALA B 118 -15.48 -3.95 -21.85
N TYR B 119 -14.60 -3.42 -21.01
CA TYR B 119 -13.69 -2.37 -21.41
C TYR B 119 -12.64 -2.93 -22.36
N ASN B 120 -12.36 -2.20 -23.43
CA ASN B 120 -11.33 -2.60 -24.36
C ASN B 120 -9.96 -2.56 -23.70
N LEU B 121 -9.06 -3.40 -24.18
CA LEU B 121 -7.72 -3.54 -23.63
C LEU B 121 -6.70 -3.14 -24.69
N ARG B 122 -5.78 -2.25 -24.31
CA ARG B 122 -4.72 -1.78 -25.19
C ARG B 122 -3.39 -2.27 -24.63
N PHE B 123 -2.72 -3.15 -25.37
CA PHE B 123 -1.42 -3.66 -24.96
C PHE B 123 -0.32 -2.85 -25.65
N ALA B 124 0.60 -2.35 -24.85
CA ALA B 124 1.63 -1.47 -25.38
C ALA B 124 2.98 -1.84 -24.77
N VAL B 125 4.00 -1.89 -25.62
CA VAL B 125 5.38 -2.04 -25.20
C VAL B 125 6.10 -0.78 -25.67
N SER B 126 6.47 0.08 -24.73
CA SER B 126 7.12 1.33 -25.06
C SER B 126 8.50 1.36 -24.41
N THR B 127 9.23 2.43 -24.72
CA THR B 127 10.52 2.70 -24.10
C THR B 127 10.52 4.15 -23.63
N GLU B 128 11.02 4.39 -22.42
CA GLU B 128 10.99 5.72 -21.80
C GLU B 128 12.41 6.11 -21.41
N THR B 129 13.09 6.84 -22.29
CA THR B 129 14.49 7.20 -22.08
C THR B 129 14.60 8.57 -21.43
N PRO B 130 15.40 8.71 -20.35
CA PRO B 130 15.65 9.99 -19.69
C PRO B 130 16.53 10.93 -20.53
N ARG B 146 -1.13 18.81 -18.19
CA ARG B 146 -1.75 17.58 -17.68
C ARG B 146 -1.44 17.35 -16.19
N LEU B 147 -2.45 17.53 -15.34
CA LEU B 147 -2.36 17.23 -13.92
C LEU B 147 -2.81 15.80 -13.68
N LYS B 148 -1.92 14.98 -13.11
CA LYS B 148 -2.18 13.56 -12.94
C LYS B 148 -2.23 13.21 -11.46
N ASP B 149 -3.38 12.74 -11.00
CA ASP B 149 -3.55 12.20 -9.65
C ASP B 149 -3.51 10.67 -9.76
N ARG B 150 -2.34 10.09 -9.52
CA ARG B 150 -2.10 8.66 -9.75
C ARG B 150 -2.12 7.91 -8.42
N LEU B 151 -3.00 6.91 -8.31
CA LEU B 151 -2.99 5.97 -7.19
C LEU B 151 -2.46 4.64 -7.70
N SER B 152 -1.35 4.19 -7.13
CA SER B 152 -0.67 2.98 -7.56
C SER B 152 -0.84 1.89 -6.51
N ILE B 153 -1.21 0.69 -6.95
CA ILE B 153 -1.29 -0.48 -6.08
C ILE B 153 -0.46 -1.58 -6.72
N THR B 154 0.60 -2.00 -6.05
CA THR B 154 1.61 -2.90 -6.61
C THR B 154 1.50 -4.26 -5.92
N ASP B 155 1.09 -5.27 -6.69
CA ASP B 155 0.97 -6.64 -6.18
C ASP B 155 1.92 -7.52 -6.96
N GLY B 156 3.02 -7.92 -6.33
CA GLY B 156 4.00 -8.74 -7.01
C GLY B 156 4.63 -7.95 -8.14
N MET B 157 4.60 -8.52 -9.35
CA MET B 157 5.17 -7.91 -10.53
C MET B 157 4.14 -7.12 -11.34
N PHE B 158 3.10 -6.63 -10.69
CA PHE B 158 2.02 -5.91 -11.36
C PHE B 158 1.69 -4.66 -10.58
N ARG B 159 1.65 -3.53 -11.26
CA ARG B 159 1.25 -2.27 -10.64
C ARG B 159 0.00 -1.74 -11.33
N TYR B 160 -1.08 -1.60 -10.57
CA TYR B 160 -2.31 -1.01 -11.05
C TYR B 160 -2.23 0.50 -10.88
N ASP B 161 -2.32 1.24 -11.98
CA ASP B 161 -2.23 2.70 -11.97
C ASP B 161 -3.61 3.27 -12.28
N MET B 162 -4.31 3.70 -11.23
CA MET B 162 -5.56 4.43 -11.37
C MET B 162 -5.23 5.91 -11.29
N THR B 163 -5.48 6.64 -12.37
CA THR B 163 -5.09 8.03 -12.49
C THR B 163 -6.31 8.88 -12.82
N GLN B 164 -6.45 10.00 -12.10
CA GLN B 164 -7.45 11.02 -12.40
C GLN B 164 -6.71 12.14 -13.12
N VAL B 165 -6.89 12.22 -14.43
CA VAL B 165 -6.19 13.18 -15.27
C VAL B 165 -7.10 14.38 -15.52
N THR B 166 -6.52 15.57 -15.41
CA THR B 166 -7.21 16.82 -15.70
C THR B 166 -6.47 17.50 -16.84
N GLU B 167 -7.13 17.63 -17.99
CA GLU B 167 -6.52 18.23 -19.16
C GLU B 167 -7.53 19.15 -19.82
N LYS B 168 -7.19 20.44 -19.92
CA LYS B 168 -8.06 21.44 -20.53
C LYS B 168 -9.44 21.46 -19.88
N GLY B 169 -9.45 21.48 -18.54
CA GLY B 169 -10.68 21.52 -17.79
C GLY B 169 -11.48 20.24 -17.78
N VAL B 170 -11.06 19.20 -18.50
CA VAL B 170 -11.77 17.93 -18.55
C VAL B 170 -11.08 16.94 -17.61
N LEU B 171 -11.86 16.19 -16.85
CA LEU B 171 -11.34 15.19 -15.94
C LEU B 171 -11.51 13.80 -16.54
N MET B 172 -10.40 13.10 -16.71
CA MET B 172 -10.38 11.75 -17.27
C MET B 172 -10.04 10.75 -16.17
N HIS B 173 -10.54 9.53 -16.32
CA HIS B 173 -10.26 8.45 -15.38
C HIS B 173 -9.57 7.34 -16.17
N GLU B 174 -8.33 7.04 -15.81
CA GLU B 174 -7.50 6.10 -16.53
C GLU B 174 -7.06 4.96 -15.61
N VAL B 175 -7.17 3.73 -16.11
CA VAL B 175 -6.69 2.55 -15.40
C VAL B 175 -5.74 1.81 -16.32
N GLU B 176 -4.63 1.34 -15.75
CA GLU B 176 -3.66 0.58 -16.52
C GLU B 176 -2.86 -0.31 -15.58
N ILE B 177 -2.36 -1.42 -16.12
CA ILE B 177 -1.54 -2.37 -15.38
C ILE B 177 -0.15 -2.38 -16.00
N GLU B 178 0.84 -1.94 -15.23
CA GLU B 178 2.23 -1.88 -15.66
C GLU B 178 2.99 -3.07 -15.10
N GLY B 179 4.08 -3.45 -15.78
CA GLY B 179 4.94 -4.51 -15.30
C GLY B 179 6.00 -3.96 -14.35
N VAL B 180 6.32 -4.76 -13.34
CA VAL B 180 7.30 -4.37 -12.32
C VAL B 180 8.37 -5.45 -12.27
N PHE B 181 9.55 -5.14 -12.81
CA PHE B 181 10.63 -6.10 -12.90
C PHE B 181 11.95 -5.51 -12.40
N GLU B 185 13.69 -7.85 -16.69
CA GLU B 185 14.60 -8.32 -15.66
C GLU B 185 14.57 -9.84 -15.55
N LYS B 186 14.56 -10.52 -16.70
CA LYS B 186 14.40 -11.97 -16.83
C LYS B 186 13.08 -12.47 -16.27
N GLN B 187 12.16 -11.56 -15.93
CA GLN B 187 10.90 -11.96 -15.31
C GLN B 187 9.70 -11.79 -16.22
N LEU B 188 9.77 -10.93 -17.24
CA LEU B 188 8.73 -10.87 -18.24
C LEU B 188 8.78 -12.15 -19.08
N THR B 189 8.01 -13.14 -18.69
CA THR B 189 7.90 -14.40 -19.40
C THR B 189 6.53 -14.50 -20.04
N GLU B 190 6.36 -15.54 -20.87
CA GLU B 190 5.04 -15.82 -21.43
C GLU B 190 4.03 -16.08 -20.31
N SER B 191 4.47 -16.74 -19.24
CA SER B 191 3.58 -16.96 -18.09
C SER B 191 3.16 -15.65 -17.45
N TRP B 192 4.08 -14.70 -17.31
CA TRP B 192 3.71 -13.40 -16.78
C TRP B 192 2.70 -12.70 -17.67
N LEU B 193 2.90 -12.77 -18.99
CA LEU B 193 1.93 -12.17 -19.92
C LEU B 193 0.56 -12.82 -19.78
N GLU B 194 0.53 -14.12 -19.48
CA GLU B 194 -0.75 -14.80 -19.28
C GLU B 194 -1.48 -14.27 -18.06
N GLU B 195 -0.75 -14.03 -16.96
CA GLU B 195 -1.36 -13.44 -15.77
C GLU B 195 -1.75 -11.99 -16.00
N LEU B 196 -0.98 -11.27 -16.82
CA LEU B 196 -1.34 -9.88 -17.13
C LEU B 196 -2.66 -9.80 -17.88
N LEU B 197 -2.88 -10.71 -18.83
CA LEU B 197 -4.15 -10.72 -19.56
C LEU B 197 -5.32 -10.99 -18.62
N ARG B 198 -5.18 -12.00 -17.75
CA ARG B 198 -6.29 -12.36 -16.88
C ARG B 198 -6.54 -11.31 -15.82
N ARG B 199 -5.48 -10.65 -15.33
CA ARG B 199 -5.66 -9.58 -14.37
C ARG B 199 -6.37 -8.38 -14.99
N ALA B 200 -5.98 -7.99 -16.20
CA ALA B 200 -6.63 -6.87 -16.85
C ALA B 200 -8.05 -7.21 -17.29
N MET B 201 -8.28 -8.47 -17.69
CA MET B 201 -9.62 -8.89 -18.10
C MET B 201 -10.60 -8.87 -16.94
N ARG B 202 -10.10 -9.05 -15.71
CA ARG B 202 -10.98 -8.95 -14.54
C ARG B 202 -11.46 -7.51 -14.34
N LEU B 203 -10.58 -6.53 -14.58
CA LEU B 203 -11.00 -5.14 -14.52
C LEU B 203 -11.84 -4.76 -15.74
N ALA B 204 -11.53 -5.31 -16.91
CA ALA B 204 -12.23 -4.92 -18.14
C ALA B 204 -13.69 -5.37 -18.12
N THR B 205 -13.96 -6.56 -17.60
CA THR B 205 -15.32 -7.08 -17.54
C THR B 205 -16.16 -6.42 -16.44
N LEU B 206 -15.67 -5.33 -15.83
CA LEU B 206 -16.44 -4.56 -14.86
C LEU B 206 -17.09 -3.34 -15.48
N ARG B 207 -17.23 -3.31 -16.79
CA ARG B 207 -17.82 -2.15 -17.46
C ARG B 207 -19.31 -2.09 -17.20
N THR B 208 -19.84 -0.87 -17.10
CA THR B 208 -21.27 -0.67 -16.92
C THR B 208 -21.79 0.37 -17.91
#